data_3GVA
#
_entry.id   3GVA
#
_cell.length_a   46.298
_cell.length_b   46.298
_cell.length_c   169.277
_cell.angle_alpha   90.000
_cell.angle_beta   90.000
_cell.angle_gamma   120.000
#
_symmetry.space_group_name_H-M   'P 31 2 1'
#
loop_
_entity.id
_entity.type
_entity.pdbx_description
1 polymer 'Alkyltransferase-like protein 1'
2 water water
#
_entity_poly.entity_id   1
_entity_poly.type   'polypeptide(L)'
_entity_poly.pdbx_seq_one_letter_code
;MRMDEFYTKVYDAVCEIPYGKVSTYGEIARYVGMPSYARQVGQAMKHLHPETHVPWHRVINSRGTISKRDISAGEQRQKD
RLEEEGVEIYQTSLGEYKLNLPEYMWKPGSHHHHHH
;
_entity_poly.pdbx_strand_id   A,B
#
# COMPACT_ATOMS: atom_id res chain seq x y z
N ARG A 2 15.95 0.49 -6.02
CA ARG A 2 14.84 -0.10 -5.21
C ARG A 2 13.86 0.98 -4.75
N MET A 3 14.35 2.19 -4.60
CA MET A 3 13.54 3.32 -4.16
C MET A 3 12.27 3.53 -4.98
N ASP A 4 12.34 3.36 -6.30
CA ASP A 4 11.17 3.57 -7.13
C ASP A 4 9.98 2.77 -6.62
N GLU A 5 10.18 1.48 -6.33
CA GLU A 5 9.10 0.67 -5.82
C GLU A 5 8.83 0.95 -4.33
N PHE A 6 9.86 1.33 -3.59
CA PHE A 6 9.70 1.61 -2.16
C PHE A 6 8.78 2.81 -1.95
N TYR A 7 8.94 3.84 -2.76
CA TYR A 7 8.13 5.04 -2.66
C TYR A 7 6.64 4.72 -2.80
N THR A 8 6.32 3.90 -3.80
CA THR A 8 4.92 3.52 -4.03
C THR A 8 4.35 2.74 -2.85
N LYS A 9 5.21 1.95 -2.20
CA LYS A 9 4.80 1.15 -1.04
C LYS A 9 4.51 2.09 0.14
N VAL A 10 5.29 3.17 0.20
CA VAL A 10 5.13 4.17 1.24
C VAL A 10 3.81 4.91 1.00
N TYR A 11 3.59 5.35 -0.25
CA TYR A 11 2.36 6.06 -0.57
C TYR A 11 1.13 5.20 -0.31
N ASP A 12 1.22 3.91 -0.62
CA ASP A 12 0.11 2.99 -0.37
C ASP A 12 -0.19 2.99 1.11
N ALA A 13 0.85 2.97 1.93
CA ALA A 13 0.68 2.95 3.37
C ALA A 13 0.03 4.24 3.86
N VAL A 14 0.48 5.37 3.34
CA VAL A 14 -0.08 6.66 3.76
C VAL A 14 -1.57 6.75 3.38
N CYS A 15 -1.90 6.23 2.20
CA CYS A 15 -3.29 6.24 1.73
C CYS A 15 -4.18 5.45 2.69
N GLU A 16 -3.57 4.64 3.55
CA GLU A 16 -4.35 3.86 4.50
C GLU A 16 -4.60 4.56 5.84
N ILE A 17 -3.86 5.63 6.13
CA ILE A 17 -4.09 6.37 7.38
C ILE A 17 -5.53 6.88 7.30
N PRO A 18 -6.36 6.55 8.28
CA PRO A 18 -7.74 7.03 8.18
C PRO A 18 -7.96 8.53 8.42
N TYR A 19 -9.09 8.99 7.89
CA TYR A 19 -9.52 10.37 8.03
C TYR A 19 -9.47 10.75 9.51
N GLY A 20 -8.91 11.91 9.82
CA GLY A 20 -8.84 12.32 11.21
C GLY A 20 -7.74 11.71 12.05
N LYS A 21 -6.91 10.87 11.44
CA LYS A 21 -5.80 10.24 12.16
C LYS A 21 -4.47 10.64 11.53
N VAL A 22 -3.36 10.36 12.22
CA VAL A 22 -2.05 10.71 11.68
C VAL A 22 -1.03 9.60 11.94
N SER A 23 0.13 9.72 11.31
CA SER A 23 1.18 8.75 11.52
C SER A 23 2.52 9.46 11.36
N THR A 24 3.61 8.70 11.45
CA THR A 24 4.95 9.29 11.32
C THR A 24 5.84 8.44 10.40
N TYR A 25 6.96 9.01 10.00
CA TYR A 25 7.89 8.30 9.11
C TYR A 25 8.28 6.97 9.74
N GLY A 26 8.59 6.99 11.04
CA GLY A 26 8.99 5.78 11.74
C GLY A 26 7.90 4.73 11.79
N GLU A 27 6.69 5.15 12.11
CA GLU A 27 5.56 4.23 12.19
C GLU A 27 5.28 3.60 10.84
N ILE A 28 5.31 4.41 9.79
CA ILE A 28 5.03 3.90 8.45
C ILE A 28 6.11 2.91 8.03
N ALA A 29 7.37 3.24 8.30
CA ALA A 29 8.48 2.36 7.94
C ALA A 29 8.32 1.00 8.60
N ARG A 30 7.92 0.99 9.86
CA ARG A 30 7.72 -0.26 10.59
C ARG A 30 6.47 -0.96 10.07
N TYR A 31 5.49 -0.18 9.63
CA TYR A 31 4.26 -0.73 9.11
C TYR A 31 4.44 -1.46 7.77
N VAL A 32 5.31 -0.94 6.91
CA VAL A 32 5.54 -1.57 5.61
C VAL A 32 6.68 -2.59 5.62
N GLY A 33 7.08 -3.01 6.82
CA GLY A 33 8.14 -4.00 6.96
C GLY A 33 9.56 -3.56 6.62
N MET A 34 9.85 -2.28 6.82
CA MET A 34 11.18 -1.73 6.53
C MET A 34 11.57 -0.82 7.69
N PRO A 35 11.54 -1.35 8.93
CA PRO A 35 11.87 -0.63 10.16
C PRO A 35 13.08 0.30 10.19
N SER A 36 14.08 0.04 9.35
CA SER A 36 15.27 0.90 9.34
C SER A 36 15.24 1.97 8.25
N TYR A 37 14.13 2.05 7.51
CA TYR A 37 14.02 3.00 6.42
C TYR A 37 13.23 4.27 6.71
N ALA A 38 13.19 4.70 7.96
CA ALA A 38 12.45 5.89 8.32
C ALA A 38 12.90 7.12 7.53
N ARG A 39 14.20 7.28 7.32
CA ARG A 39 14.65 8.44 6.57
C ARG A 39 14.26 8.33 5.10
N GLN A 40 14.22 7.10 4.60
CA GLN A 40 13.83 6.87 3.21
C GLN A 40 12.35 7.21 3.07
N VAL A 41 11.56 6.85 4.07
CA VAL A 41 10.14 7.16 4.06
C VAL A 41 10.02 8.69 3.98
N GLY A 42 10.81 9.38 4.80
CA GLY A 42 10.78 10.83 4.79
C GLY A 42 11.12 11.39 3.41
N GLN A 43 12.03 10.73 2.72
CA GLN A 43 12.45 11.14 1.39
C GLN A 43 11.28 10.93 0.41
N ALA A 44 10.63 9.79 0.51
CA ALA A 44 9.49 9.50 -0.37
C ALA A 44 8.44 10.59 -0.22
N MET A 45 8.15 10.94 1.03
CA MET A 45 7.14 11.95 1.33
C MET A 45 7.56 13.33 0.82
N LYS A 46 8.85 13.62 0.91
CA LYS A 46 9.36 14.91 0.47
C LYS A 46 9.38 15.05 -1.05
N HIS A 47 9.39 13.94 -1.77
CA HIS A 47 9.40 13.99 -3.23
C HIS A 47 8.00 14.00 -3.86
N LEU A 48 6.97 14.01 -3.04
CA LEU A 48 5.59 14.02 -3.53
C LEU A 48 5.22 15.36 -4.16
N HIS A 49 4.46 15.30 -5.26
CA HIS A 49 4.01 16.50 -5.93
C HIS A 49 3.00 17.18 -5.00
N PRO A 50 3.08 18.52 -4.88
CA PRO A 50 2.16 19.26 -4.00
C PRO A 50 0.68 19.03 -4.27
N GLU A 51 0.35 18.58 -5.48
CA GLU A 51 -1.04 18.33 -5.84
C GLU A 51 -1.43 16.85 -5.83
N THR A 52 -0.55 16.02 -5.26
CA THR A 52 -0.81 14.58 -5.17
C THR A 52 -2.11 14.27 -4.44
N HIS A 53 -2.62 13.07 -4.67
CA HIS A 53 -3.84 12.58 -4.06
C HIS A 53 -3.49 11.93 -2.72
N VAL A 54 -2.23 11.54 -2.55
CA VAL A 54 -1.80 10.90 -1.31
C VAL A 54 -2.03 11.88 -0.16
N PRO A 55 -2.69 11.41 0.92
CA PRO A 55 -2.97 12.27 2.08
C PRO A 55 -1.75 12.55 2.97
N TRP A 56 -0.72 13.14 2.37
CA TRP A 56 0.53 13.46 3.07
C TRP A 56 0.34 14.32 4.31
N HIS A 57 -0.76 15.05 4.39
CA HIS A 57 -0.98 15.91 5.54
C HIS A 57 -1.18 15.11 6.83
N ARG A 58 -1.47 13.81 6.69
CA ARG A 58 -1.66 12.95 7.86
C ARG A 58 -0.36 12.40 8.42
N VAL A 59 0.77 12.74 7.80
CA VAL A 59 2.06 12.30 8.29
C VAL A 59 2.74 13.50 8.96
N ILE A 60 3.07 13.35 10.25
CA ILE A 60 3.69 14.45 10.99
C ILE A 60 4.93 13.93 11.71
N ASN A 61 5.77 14.83 12.22
CA ASN A 61 6.94 14.34 12.92
C ASN A 61 6.54 13.79 14.29
N SER A 62 7.40 12.94 14.84
CA SER A 62 7.17 12.28 16.11
C SER A 62 6.84 13.19 17.28
N ARG A 63 7.34 14.44 17.24
CA ARG A 63 7.09 15.38 18.33
C ARG A 63 5.68 15.98 18.31
N GLY A 64 4.92 15.69 17.26
CA GLY A 64 3.57 16.20 17.15
C GLY A 64 3.49 17.58 16.49
N THR A 65 4.63 18.10 16.06
CA THR A 65 4.64 19.40 15.42
C THR A 65 4.50 19.28 13.91
N ILE A 66 4.07 20.36 13.28
CA ILE A 66 3.89 20.36 11.83
C ILE A 66 4.49 21.60 11.19
N SER A 67 5.13 22.44 12.00
CA SER A 67 5.74 23.66 11.46
C SER A 67 6.67 24.35 12.43
N LYS A 68 7.24 25.46 11.96
CA LYS A 68 8.15 26.31 12.72
C LYS A 68 7.63 27.70 12.38
N ARG A 69 7.63 28.62 13.35
CA ARG A 69 7.12 29.96 13.07
C ARG A 69 7.79 30.58 11.85
N ASP A 70 7.08 30.48 10.74
CA ASP A 70 7.48 30.95 9.42
C ASP A 70 6.63 30.10 8.50
N ILE A 71 5.70 29.37 9.12
CA ILE A 71 4.76 28.49 8.44
C ILE A 71 4.79 28.61 6.92
N SER A 72 5.43 27.65 6.29
CA SER A 72 5.55 27.61 4.83
C SER A 72 4.16 27.32 4.25
N ALA A 73 4.05 27.44 2.92
CA ALA A 73 2.78 27.18 2.25
C ALA A 73 2.36 25.75 2.57
N GLY A 74 3.30 24.82 2.45
CA GLY A 74 3.01 23.42 2.72
C GLY A 74 2.53 23.21 4.14
N GLU A 75 3.23 23.84 5.09
CA GLU A 75 2.86 23.72 6.50
C GLU A 75 1.46 24.30 6.75
N GLN A 76 1.14 25.38 6.05
CA GLN A 76 -0.18 26.02 6.18
C GLN A 76 -1.23 25.07 5.59
N ARG A 77 -0.89 24.45 4.47
CA ARG A 77 -1.80 23.51 3.82
C ARG A 77 -2.04 22.35 4.78
N GLN A 78 -0.96 21.80 5.34
CA GLN A 78 -1.10 20.69 6.26
C GLN A 78 -1.99 21.05 7.45
N LYS A 79 -1.76 22.22 8.04
CA LYS A 79 -2.58 22.66 9.17
C LYS A 79 -4.03 22.75 8.75
N ASP A 80 -4.30 23.45 7.64
CA ASP A 80 -5.66 23.61 7.13
C ASP A 80 -6.36 22.27 6.95
N ARG A 81 -5.65 21.32 6.33
CA ARG A 81 -6.20 20.01 6.07
C ARG A 81 -6.43 19.20 7.33
N LEU A 82 -5.50 19.26 8.28
CA LEU A 82 -5.68 18.51 9.52
C LEU A 82 -6.90 19.04 10.30
N GLU A 83 -7.01 20.36 10.40
CA GLU A 83 -8.13 20.95 11.12
C GLU A 83 -9.47 20.54 10.51
N GLU A 84 -9.51 20.40 9.18
CA GLU A 84 -10.75 20.00 8.50
C GLU A 84 -11.17 18.58 8.88
N GLU A 85 -10.21 17.73 9.25
CA GLU A 85 -10.53 16.37 9.64
C GLU A 85 -10.73 16.22 11.16
N GLY A 86 -10.94 17.35 11.83
CA GLY A 86 -11.19 17.33 13.26
C GLY A 86 -10.00 17.35 14.22
N VAL A 87 -8.79 17.53 13.70
CA VAL A 87 -7.60 17.54 14.55
C VAL A 87 -7.44 18.89 15.24
N GLU A 88 -7.32 18.86 16.56
CA GLU A 88 -7.13 20.06 17.36
C GLU A 88 -5.66 20.44 17.27
N ILE A 89 -5.40 21.67 16.85
CA ILE A 89 -4.04 22.14 16.68
C ILE A 89 -3.79 23.39 17.51
N TYR A 90 -2.74 23.36 18.32
CA TYR A 90 -2.41 24.52 19.12
C TYR A 90 -1.04 25.05 18.71
N GLN A 91 -0.66 26.20 19.26
CA GLN A 91 0.61 26.80 18.92
C GLN A 91 1.53 26.88 20.12
N THR A 92 2.76 26.42 19.96
CA THR A 92 3.75 26.42 21.05
C THR A 92 4.34 27.82 21.25
N SER A 93 5.13 27.97 22.32
CA SER A 93 5.77 29.24 22.64
C SER A 93 6.85 29.57 21.61
N LEU A 94 7.19 28.60 20.78
CA LEU A 94 8.19 28.80 19.74
C LEU A 94 7.53 29.22 18.43
N GLY A 95 6.21 29.17 18.40
CA GLY A 95 5.49 29.55 17.19
C GLY A 95 5.16 28.36 16.30
N GLU A 96 5.43 27.15 16.78
CA GLU A 96 5.16 25.95 16.03
C GLU A 96 3.74 25.47 16.28
N TYR A 97 3.10 24.92 15.26
CA TYR A 97 1.76 24.38 15.42
C TYR A 97 1.97 22.94 15.86
N LYS A 98 1.19 22.51 16.84
CA LYS A 98 1.36 21.16 17.39
C LYS A 98 0.04 20.49 17.75
N LEU A 99 0.08 19.18 17.91
CA LEU A 99 -1.10 18.45 18.29
C LEU A 99 -0.71 17.32 19.21
N ASN A 100 -1.67 16.81 19.97
CA ASN A 100 -1.43 15.71 20.90
C ASN A 100 -1.34 14.42 20.08
N LEU A 101 -0.13 13.98 19.79
CA LEU A 101 0.09 12.79 18.97
C LEU A 101 -0.64 11.51 19.41
N PRO A 102 -0.46 11.10 20.68
CA PRO A 102 -1.14 9.87 21.13
C PRO A 102 -2.66 9.91 20.93
N GLU A 103 -3.23 11.10 20.94
CA GLU A 103 -4.67 11.25 20.74
C GLU A 103 -5.14 11.01 19.31
N TYR A 104 -4.27 11.25 18.34
CA TYR A 104 -4.67 11.06 16.93
C TYR A 104 -3.85 10.01 16.19
N MET A 105 -2.82 9.48 16.85
CA MET A 105 -1.96 8.45 16.27
C MET A 105 -2.78 7.29 15.70
N TRP A 106 -2.50 6.93 14.45
CA TRP A 106 -3.18 5.82 13.80
C TRP A 106 -2.68 4.52 14.39
N LYS A 107 -3.57 3.57 14.58
CA LYS A 107 -3.21 2.25 15.09
C LYS A 107 -3.69 1.19 14.10
N PRO A 108 -2.79 0.73 13.22
CA PRO A 108 -3.09 -0.29 12.21
C PRO A 108 -3.90 -1.48 12.77
N ARG B 2 -18.27 -0.82 4.64
CA ARG B 2 -17.96 -1.11 3.21
C ARG B 2 -16.85 -2.16 3.12
N MET B 3 -15.64 -1.78 3.53
CA MET B 3 -14.49 -2.68 3.48
C MET B 3 -14.76 -4.06 4.07
N ASP B 4 -15.72 -4.16 5.00
CA ASP B 4 -16.04 -5.45 5.58
C ASP B 4 -16.56 -6.34 4.47
N GLU B 5 -17.62 -5.89 3.81
CA GLU B 5 -18.23 -6.63 2.71
C GLU B 5 -17.27 -6.77 1.52
N PHE B 6 -16.48 -5.74 1.27
CA PHE B 6 -15.55 -5.77 0.13
C PHE B 6 -14.44 -6.82 0.24
N TYR B 7 -13.63 -6.75 1.28
CA TYR B 7 -12.54 -7.70 1.43
C TYR B 7 -13.07 -9.12 1.29
N THR B 8 -14.06 -9.48 2.09
CA THR B 8 -14.65 -10.80 2.03
C THR B 8 -15.17 -11.09 0.61
N LYS B 9 -15.70 -10.07 -0.05
CA LYS B 9 -16.21 -10.23 -1.41
C LYS B 9 -15.04 -10.55 -2.36
N VAL B 10 -13.90 -9.93 -2.10
CA VAL B 10 -12.71 -10.16 -2.91
C VAL B 10 -12.18 -11.58 -2.67
N TYR B 11 -12.09 -11.97 -1.41
CA TYR B 11 -11.59 -13.30 -1.10
C TYR B 11 -12.46 -14.40 -1.73
N ASP B 12 -13.77 -14.16 -1.83
CA ASP B 12 -14.67 -15.14 -2.43
C ASP B 12 -14.37 -15.26 -3.92
N ALA B 13 -14.12 -14.13 -4.56
CA ALA B 13 -13.82 -14.11 -5.99
C ALA B 13 -12.48 -14.80 -6.29
N VAL B 14 -11.48 -14.55 -5.45
CA VAL B 14 -10.17 -15.17 -5.64
C VAL B 14 -10.31 -16.67 -5.51
N CYS B 15 -11.19 -17.10 -4.61
CA CYS B 15 -11.40 -18.53 -4.41
C CYS B 15 -11.98 -19.17 -5.67
N GLU B 16 -12.62 -18.37 -6.52
CA GLU B 16 -13.21 -18.87 -7.76
C GLU B 16 -12.21 -18.98 -8.92
N ILE B 17 -11.05 -18.37 -8.78
CA ILE B 17 -10.05 -18.46 -9.83
C ILE B 17 -9.71 -19.94 -9.98
N PRO B 18 -9.94 -20.52 -11.15
CA PRO B 18 -9.65 -21.94 -11.37
C PRO B 18 -8.18 -22.36 -11.29
N TYR B 19 -7.99 -23.62 -10.94
CA TYR B 19 -6.67 -24.25 -10.83
C TYR B 19 -5.98 -24.01 -12.18
N GLY B 20 -4.69 -23.69 -12.15
CA GLY B 20 -3.98 -23.47 -13.41
C GLY B 20 -4.21 -22.13 -14.10
N LYS B 21 -5.02 -21.27 -13.51
CA LYS B 21 -5.31 -19.96 -14.08
C LYS B 21 -4.93 -18.90 -13.06
N VAL B 22 -4.86 -17.65 -13.50
CA VAL B 22 -4.52 -16.55 -12.62
C VAL B 22 -5.39 -15.36 -12.96
N SER B 23 -5.33 -14.32 -12.13
CA SER B 23 -6.09 -13.10 -12.36
C SER B 23 -5.32 -11.93 -11.77
N THR B 24 -5.87 -10.72 -11.89
CA THR B 24 -5.24 -9.50 -11.39
C THR B 24 -6.19 -8.68 -10.54
N TYR B 25 -5.66 -7.67 -9.86
CA TYR B 25 -6.47 -6.79 -9.00
C TYR B 25 -7.61 -6.13 -9.76
N GLY B 26 -7.30 -5.60 -10.94
CA GLY B 26 -8.31 -4.94 -11.75
C GLY B 26 -9.38 -5.87 -12.31
N GLU B 27 -8.96 -7.07 -12.70
CA GLU B 27 -9.86 -8.07 -13.26
C GLU B 27 -10.84 -8.52 -12.17
N ILE B 28 -10.32 -8.74 -10.96
CA ILE B 28 -11.15 -9.15 -9.84
C ILE B 28 -12.10 -8.01 -9.49
N ALA B 29 -11.58 -6.80 -9.53
CA ALA B 29 -12.37 -5.62 -9.23
C ALA B 29 -13.58 -5.56 -10.16
N ARG B 30 -13.34 -5.76 -11.45
CA ARG B 30 -14.40 -5.75 -12.45
C ARG B 30 -15.31 -6.95 -12.26
N TYR B 31 -14.75 -8.03 -11.76
CA TYR B 31 -15.51 -9.25 -11.53
C TYR B 31 -16.57 -9.05 -10.46
N VAL B 32 -16.21 -8.38 -9.37
CA VAL B 32 -17.17 -8.13 -8.30
C VAL B 32 -18.01 -6.89 -8.57
N GLY B 33 -18.09 -6.52 -9.85
CA GLY B 33 -18.89 -5.38 -10.26
C GLY B 33 -18.48 -4.04 -9.66
N MET B 34 -17.20 -3.89 -9.35
CA MET B 34 -16.70 -2.64 -8.76
C MET B 34 -15.43 -2.19 -9.46
N PRO B 35 -15.51 -1.93 -10.77
CA PRO B 35 -14.42 -1.49 -11.63
C PRO B 35 -13.38 -0.52 -11.06
N SER B 36 -13.81 0.40 -10.19
CA SER B 36 -12.89 1.38 -9.64
C SER B 36 -12.12 0.95 -8.38
N TYR B 37 -12.32 -0.29 -7.94
CA TYR B 37 -11.65 -0.77 -6.72
C TYR B 37 -10.41 -1.64 -6.91
N ALA B 38 -9.68 -1.46 -8.01
CA ALA B 38 -8.49 -2.27 -8.25
C ALA B 38 -7.48 -2.13 -7.11
N ARG B 39 -7.34 -0.91 -6.60
CA ARG B 39 -6.41 -0.63 -5.50
C ARG B 39 -6.92 -1.22 -4.19
N GLN B 40 -8.23 -1.17 -3.98
CA GLN B 40 -8.81 -1.69 -2.77
C GLN B 40 -8.60 -3.21 -2.75
N VAL B 41 -8.69 -3.83 -3.92
CA VAL B 41 -8.49 -5.27 -4.05
C VAL B 41 -7.06 -5.58 -3.64
N GLY B 42 -6.14 -4.71 -4.07
CA GLY B 42 -4.75 -4.91 -3.76
C GLY B 42 -4.49 -4.85 -2.26
N GLN B 43 -5.16 -3.93 -1.58
CA GLN B 43 -4.98 -3.80 -0.15
C GLN B 43 -5.48 -5.06 0.53
N ALA B 44 -6.62 -5.56 0.06
CA ALA B 44 -7.20 -6.78 0.63
C ALA B 44 -6.22 -7.95 0.54
N MET B 45 -5.54 -8.09 -0.59
CA MET B 45 -4.61 -9.18 -0.77
C MET B 45 -3.34 -8.99 0.06
N LYS B 46 -2.91 -7.75 0.22
CA LYS B 46 -1.70 -7.48 1.01
C LYS B 46 -1.99 -7.71 2.50
N HIS B 47 -3.26 -7.66 2.87
CA HIS B 47 -3.68 -7.87 4.25
C HIS B 47 -3.97 -9.34 4.56
N LEU B 48 -4.05 -10.16 3.51
CA LEU B 48 -4.33 -11.60 3.66
C LEU B 48 -3.22 -12.33 4.36
N HIS B 49 -3.56 -13.07 5.42
CA HIS B 49 -2.57 -13.83 6.16
C HIS B 49 -1.97 -14.93 5.28
N PRO B 50 -0.65 -15.16 5.40
CA PRO B 50 0.08 -16.18 4.64
C PRO B 50 -0.52 -17.58 4.62
N GLU B 51 -1.08 -18.02 5.75
CA GLU B 51 -1.62 -19.36 5.81
C GLU B 51 -3.11 -19.47 5.49
N THR B 52 -3.62 -18.42 4.86
CA THR B 52 -5.02 -18.38 4.47
C THR B 52 -5.33 -19.53 3.51
N HIS B 53 -6.60 -19.87 3.44
CA HIS B 53 -7.11 -20.93 2.58
C HIS B 53 -7.30 -20.36 1.18
N VAL B 54 -7.37 -19.04 1.10
CA VAL B 54 -7.55 -18.33 -0.16
C VAL B 54 -6.39 -18.58 -1.11
N PRO B 55 -6.68 -18.90 -2.39
CA PRO B 55 -5.65 -19.17 -3.40
C PRO B 55 -4.97 -17.87 -3.83
N TRP B 56 -4.35 -17.16 -2.90
CA TRP B 56 -3.68 -15.90 -3.19
C TRP B 56 -2.60 -15.99 -4.26
N HIS B 57 -1.99 -17.16 -4.40
CA HIS B 57 -0.93 -17.35 -5.38
C HIS B 57 -1.39 -17.14 -6.81
N ARG B 58 -2.69 -17.21 -7.03
CA ARG B 58 -3.28 -17.03 -8.36
C ARG B 58 -3.54 -15.57 -8.72
N VAL B 59 -3.18 -14.65 -7.84
CA VAL B 59 -3.35 -13.24 -8.14
C VAL B 59 -1.95 -12.73 -8.44
N ILE B 60 -1.78 -12.09 -9.59
CA ILE B 60 -0.47 -11.61 -10.01
C ILE B 60 -0.60 -10.23 -10.65
N ASN B 61 0.49 -9.46 -10.69
CA ASN B 61 0.40 -8.14 -11.29
C ASN B 61 0.20 -8.28 -12.79
N SER B 62 -0.26 -7.20 -13.41
CA SER B 62 -0.56 -7.19 -14.84
C SER B 62 0.63 -7.27 -15.78
N ARG B 63 1.84 -7.26 -15.24
CA ARG B 63 3.01 -7.37 -16.10
C ARG B 63 3.40 -8.85 -16.15
N GLY B 64 2.79 -9.63 -15.28
CA GLY B 64 3.05 -11.06 -15.23
C GLY B 64 4.37 -11.42 -14.58
N THR B 65 4.89 -10.51 -13.75
CA THR B 65 6.15 -10.75 -13.07
C THR B 65 5.91 -11.26 -11.65
N ILE B 66 6.56 -12.38 -11.32
CA ILE B 66 6.42 -12.99 -9.99
C ILE B 66 7.40 -12.38 -9.00
N SER B 67 8.58 -11.98 -9.46
CA SER B 67 9.58 -11.39 -8.58
C SER B 67 10.84 -10.97 -9.35
N LYS B 68 11.86 -10.55 -8.59
CA LYS B 68 13.15 -10.16 -9.14
C LYS B 68 14.10 -11.30 -8.82
N ARG B 69 15.35 -11.22 -9.31
CA ARG B 69 16.33 -12.27 -9.08
C ARG B 69 16.44 -12.66 -7.61
N ASP B 70 16.27 -11.69 -6.72
CA ASP B 70 16.34 -11.94 -5.28
C ASP B 70 14.96 -12.25 -4.72
N ILE B 71 14.40 -13.39 -5.12
CA ILE B 71 13.08 -13.82 -4.67
C ILE B 71 12.91 -13.78 -3.16
N SER B 72 11.73 -13.35 -2.71
CA SER B 72 11.43 -13.30 -1.29
C SER B 72 10.77 -14.63 -0.93
N ALA B 73 10.49 -14.83 0.36
CA ALA B 73 9.86 -16.05 0.83
C ALA B 73 8.51 -16.24 0.15
N GLY B 74 7.68 -15.20 0.21
CA GLY B 74 6.35 -15.26 -0.38
C GLY B 74 6.35 -15.44 -1.88
N GLU B 75 7.27 -14.75 -2.57
CA GLU B 75 7.35 -14.85 -4.02
C GLU B 75 7.75 -16.26 -4.42
N GLN B 76 8.68 -16.85 -3.66
CA GLN B 76 9.14 -18.20 -3.92
C GLN B 76 7.99 -19.18 -3.69
N ARG B 77 7.15 -18.90 -2.70
CA ARG B 77 6.01 -19.76 -2.43
C ARG B 77 5.04 -19.65 -3.60
N GLN B 78 4.82 -18.43 -4.07
CA GLN B 78 3.91 -18.22 -5.19
C GLN B 78 4.44 -18.93 -6.44
N LYS B 79 5.74 -18.86 -6.66
CA LYS B 79 6.34 -19.51 -7.81
C LYS B 79 6.15 -21.01 -7.72
N ASP B 80 6.46 -21.59 -6.55
CA ASP B 80 6.30 -23.04 -6.37
C ASP B 80 4.87 -23.50 -6.65
N ARG B 81 3.91 -22.79 -6.07
CA ARG B 81 2.49 -23.12 -6.26
C ARG B 81 2.00 -23.02 -7.70
N LEU B 82 2.40 -21.97 -8.40
CA LEU B 82 1.99 -21.80 -9.79
C LEU B 82 2.56 -22.89 -10.70
N GLU B 83 3.82 -23.22 -10.51
CA GLU B 83 4.45 -24.25 -11.34
C GLU B 83 3.76 -25.59 -11.14
N GLU B 84 3.35 -25.88 -9.90
CA GLU B 84 2.66 -27.14 -9.61
C GLU B 84 1.33 -27.21 -10.35
N GLU B 85 0.78 -26.05 -10.68
CA GLU B 85 -0.48 -26.00 -11.40
C GLU B 85 -0.23 -25.93 -12.90
N GLY B 86 1.01 -26.21 -13.30
CA GLY B 86 1.37 -26.23 -14.71
C GLY B 86 1.70 -24.91 -15.35
N VAL B 87 1.85 -23.85 -14.56
CA VAL B 87 2.17 -22.55 -15.12
C VAL B 87 3.64 -22.47 -15.48
N GLU B 88 3.91 -22.12 -16.74
CA GLU B 88 5.28 -21.98 -17.21
C GLU B 88 5.82 -20.65 -16.71
N ILE B 89 6.95 -20.70 -16.01
CA ILE B 89 7.56 -19.48 -15.51
C ILE B 89 8.95 -19.37 -16.11
N TYR B 90 9.22 -18.27 -16.79
CA TYR B 90 10.53 -18.09 -17.40
C TYR B 90 11.34 -16.99 -16.71
N GLN B 91 12.64 -16.97 -16.98
CA GLN B 91 13.52 -16.00 -16.36
C GLN B 91 14.13 -15.03 -17.37
N THR B 92 14.01 -13.74 -17.08
CA THR B 92 14.54 -12.70 -17.95
C THR B 92 16.03 -12.53 -17.71
N SER B 93 16.68 -11.75 -18.57
CA SER B 93 18.11 -11.50 -18.47
C SER B 93 18.49 -10.80 -17.17
N LEU B 94 17.59 -9.98 -16.64
CA LEU B 94 17.85 -9.28 -15.39
C LEU B 94 17.53 -10.14 -14.17
N GLY B 95 17.17 -11.40 -14.41
CA GLY B 95 16.88 -12.32 -13.34
C GLY B 95 15.46 -12.42 -12.81
N GLU B 96 14.53 -11.70 -13.41
CA GLU B 96 13.15 -11.73 -12.95
C GLU B 96 12.38 -12.95 -13.48
N TYR B 97 11.47 -13.47 -12.67
CA TYR B 97 10.65 -14.61 -13.07
C TYR B 97 9.33 -14.07 -13.59
N LYS B 98 8.91 -14.55 -14.76
CA LYS B 98 7.65 -14.08 -15.36
C LYS B 98 6.86 -15.16 -16.08
N LEU B 99 5.55 -14.93 -16.22
CA LEU B 99 4.70 -15.87 -16.93
C LEU B 99 3.96 -15.13 -18.04
N ASN B 100 3.41 -15.88 -18.99
CA ASN B 100 2.68 -15.31 -20.13
C ASN B 100 1.23 -15.08 -19.69
N LEU B 101 0.96 -13.88 -19.20
CA LEU B 101 -0.36 -13.51 -18.69
C LEU B 101 -1.57 -13.84 -19.56
N PRO B 102 -1.57 -13.42 -20.83
CA PRO B 102 -2.74 -13.75 -21.67
C PRO B 102 -3.04 -15.25 -21.75
N GLU B 103 -2.01 -16.08 -21.55
CA GLU B 103 -2.20 -17.52 -21.62
C GLU B 103 -2.85 -18.09 -20.35
N TYR B 104 -2.60 -17.47 -19.21
CA TYR B 104 -3.16 -17.96 -17.96
C TYR B 104 -4.25 -17.10 -17.35
N MET B 105 -4.47 -15.92 -17.93
CA MET B 105 -5.49 -15.01 -17.41
C MET B 105 -6.86 -15.68 -17.45
N TRP B 106 -7.52 -15.72 -16.30
CA TRP B 106 -8.85 -16.32 -16.20
C TRP B 106 -9.88 -15.44 -16.89
N LYS B 107 -10.77 -16.06 -17.66
CA LYS B 107 -11.82 -15.32 -18.36
C LYS B 107 -13.15 -15.42 -17.59
N PRO B 108 -13.38 -14.49 -16.65
CA PRO B 108 -14.60 -14.44 -15.84
C PRO B 108 -15.87 -14.25 -16.66
#